data_1OF1
#
_entry.id   1OF1
#
_cell.length_a   113.730
_cell.length_b   118.010
_cell.length_c   108.200
_cell.angle_alpha   90.00
_cell.angle_beta   90.00
_cell.angle_gamma   90.00
#
_symmetry.space_group_name_H-M   'C 2 2 21'
#
loop_
_entity.id
_entity.type
_entity.pdbx_description
1 polymer 'THYMIDINE KINASE'
2 non-polymer (SOUTH)-METHANOCARBA-THYMIDINE
3 non-polymer 'SULFATE ION'
4 water water
#
_entity_poly.entity_id   1
_entity_poly.type   'polypeptide(L)'
_entity_poly.pdbx_seq_one_letter_code
;MASYPCHQHASAFDQAARSRGHNNRRTALRPRRQQEATEVRPEQKMPTLLRVYIDGPHGMGKTTTTQLLVALGSRDDIVY
VPEPMTYWRVLGASETIANIYTTQHRLDQGEISAGDAAVVMTSAQITMGMPYAVTDAVLAPHIGGEAGSSHAPPPALTLI
FDRHPIAALLCYPAARYLMGSMTPQAVLAFVALIPPTLPGTNIVLGALPEDRHIDRLAKRQRPGERLDLAMLAAIRRVYG
LLANTVRYLQCGGSWREDWGQLSGTAVPPQGAEPQSNAGPRPHIGDTLFTLFRAPELLAPNGDLYNVFAWALDVLAKRLR
SMHVFILDYDQSPAGCRDALLQLTSGMVQTHVTTPGSIPTICDLARTFAREMGEAN
;
_entity_poly.pdbx_strand_id   A,B
#
# COMPACT_ATOMS: atom_id res chain seq x y z
N MET A 46 -19.83 14.99 -18.81
CA MET A 46 -19.85 14.92 -17.31
C MET A 46 -19.30 16.19 -16.67
N PRO A 47 -19.74 16.52 -15.44
CA PRO A 47 -19.27 17.71 -14.72
C PRO A 47 -17.75 17.68 -14.51
N THR A 48 -17.16 18.84 -14.19
CA THR A 48 -15.72 18.88 -13.96
C THR A 48 -15.38 19.01 -12.48
N LEU A 49 -14.21 18.50 -12.12
CA LEU A 49 -13.71 18.52 -10.75
C LEU A 49 -12.29 19.08 -10.70
N LEU A 50 -12.01 19.86 -9.66
CA LEU A 50 -10.65 20.37 -9.47
C LEU A 50 -10.21 19.88 -8.09
N ARG A 51 -9.17 19.05 -8.06
CA ARG A 51 -8.62 18.54 -6.80
C ARG A 51 -7.32 19.26 -6.52
N VAL A 52 -7.21 19.76 -5.30
CA VAL A 52 -6.03 20.50 -4.88
C VAL A 52 -5.54 19.92 -3.56
N TYR A 53 -4.32 19.39 -3.56
CA TYR A 53 -3.77 18.82 -2.34
C TYR A 53 -2.74 19.80 -1.75
N ILE A 54 -3.03 20.32 -0.57
CA ILE A 54 -2.13 21.26 0.11
C ILE A 54 -1.17 20.42 0.92
N ASP A 55 0.10 20.46 0.58
CA ASP A 55 1.07 19.64 1.26
C ASP A 55 2.36 20.39 1.52
N GLY A 56 3.35 19.67 2.03
CA GLY A 56 4.61 20.31 2.35
C GLY A 56 4.91 20.09 3.81
N PRO A 57 6.04 20.64 4.29
CA PRO A 57 6.42 20.48 5.70
C PRO A 57 5.35 20.96 6.68
N HIS A 58 5.27 20.31 7.84
CA HIS A 58 4.31 20.75 8.85
C HIS A 58 4.85 22.04 9.46
N GLY A 59 3.96 22.83 10.05
CA GLY A 59 4.36 24.06 10.69
C GLY A 59 4.48 25.31 9.83
N MET A 60 4.03 25.24 8.58
CA MET A 60 4.10 26.40 7.70
C MET A 60 2.81 27.22 7.72
N GLY A 61 1.73 26.59 8.20
CA GLY A 61 0.44 27.26 8.23
C GLY A 61 -0.50 26.73 7.15
N LYS A 62 -0.25 25.51 6.67
CA LYS A 62 -1.07 24.93 5.62
C LYS A 62 -2.53 24.85 6.04
N THR A 63 -2.77 24.32 7.24
CA THR A 63 -4.13 24.18 7.75
C THR A 63 -4.86 25.51 7.94
N THR A 64 -4.22 26.46 8.60
CA THR A 64 -4.86 27.76 8.83
C THR A 64 -5.27 28.40 7.50
N THR A 65 -4.31 28.49 6.58
CA THR A 65 -4.55 29.09 5.28
C THR A 65 -5.68 28.43 4.48
N THR A 66 -5.71 27.10 4.44
CA THR A 66 -6.74 26.38 3.71
C THR A 66 -8.12 26.73 4.26
N GLN A 67 -8.25 26.72 5.57
CA GLN A 67 -9.51 27.04 6.24
C GLN A 67 -10.02 28.40 5.79
N LEU A 68 -9.20 29.43 5.95
CA LEU A 68 -9.58 30.77 5.54
C LEU A 68 -9.95 30.83 4.06
N LEU A 69 -9.53 29.81 3.32
CA LEU A 69 -9.79 29.72 1.87
C LEU A 69 -11.20 29.16 1.63
N VAL A 70 -11.54 28.09 2.34
CA VAL A 70 -12.84 27.47 2.18
C VAL A 70 -13.94 28.40 2.72
N ALA A 71 -13.56 29.24 3.68
CA ALA A 71 -14.51 30.18 4.29
C ALA A 71 -14.43 31.55 3.61
N ASP A 76 -20.35 25.86 -1.19
CA ASP A 76 -21.07 24.62 -1.50
C ASP A 76 -20.46 23.92 -2.72
N ASP A 77 -19.73 24.69 -3.52
CA ASP A 77 -19.07 24.18 -4.73
C ASP A 77 -17.60 23.83 -4.40
N ILE A 78 -17.18 24.14 -3.18
CA ILE A 78 -15.83 23.84 -2.72
C ILE A 78 -15.88 23.20 -1.34
N VAL A 79 -15.27 22.02 -1.22
CA VAL A 79 -15.26 21.28 0.04
C VAL A 79 -13.82 21.02 0.53
N TYR A 80 -13.64 21.05 1.84
CA TYR A 80 -12.34 20.84 2.46
C TYR A 80 -12.22 19.52 3.25
N VAL A 81 -11.26 18.68 2.85
CA VAL A 81 -10.98 17.41 3.53
C VAL A 81 -9.83 17.77 4.45
N PRO A 82 -10.12 17.94 5.74
CA PRO A 82 -9.12 18.32 6.73
C PRO A 82 -8.17 17.25 7.22
N GLU A 83 -7.23 17.71 8.04
CA GLU A 83 -6.24 16.86 8.68
C GLU A 83 -7.04 15.85 9.53
N PRO A 84 -6.80 14.54 9.36
CA PRO A 84 -7.54 13.53 10.14
C PRO A 84 -7.02 13.32 11.55
N MET A 85 -6.94 14.40 12.32
CA MET A 85 -6.41 14.34 13.67
C MET A 85 -7.10 13.30 14.56
N THR A 86 -8.41 13.19 14.45
CA THR A 86 -9.10 12.20 15.29
C THR A 86 -8.69 10.78 14.96
N TYR A 87 -8.38 10.51 13.68
CA TYR A 87 -7.94 9.16 13.34
C TYR A 87 -6.59 8.91 14.00
N TRP A 88 -5.71 9.93 13.94
CA TRP A 88 -4.37 9.81 14.49
C TRP A 88 -4.31 9.66 16.02
N ARG A 89 -5.15 10.41 16.71
CA ARG A 89 -5.17 10.43 18.18
C ARG A 89 -6.05 9.36 18.83
N VAL A 90 -7.11 8.92 18.13
CA VAL A 90 -8.04 7.95 18.72
C VAL A 90 -8.48 6.75 17.86
N LEU A 91 -9.06 7.01 16.70
CA LEU A 91 -9.59 5.93 15.88
C LEU A 91 -8.61 4.87 15.37
N GLY A 92 -7.47 5.27 14.82
CA GLY A 92 -6.53 4.29 14.30
C GLY A 92 -5.63 3.71 15.35
N ALA A 93 -5.32 4.53 16.35
CA ALA A 93 -4.45 4.13 17.45
C ALA A 93 -4.48 5.28 18.43
N SER A 94 -3.81 5.11 19.57
CA SER A 94 -3.80 6.12 20.60
C SER A 94 -2.62 7.09 20.50
N GLU A 95 -2.93 8.37 20.31
CA GLU A 95 -1.92 9.42 20.25
C GLU A 95 -0.71 9.04 19.37
N THR A 96 -0.97 8.78 18.11
CA THR A 96 0.09 8.42 17.20
C THR A 96 1.17 9.50 17.09
N ILE A 97 0.78 10.76 17.08
CA ILE A 97 1.78 11.82 16.96
C ILE A 97 2.73 11.79 18.14
N ALA A 98 2.18 11.67 19.36
CA ALA A 98 3.00 11.60 20.57
C ALA A 98 3.94 10.43 20.45
N ASN A 99 3.40 9.31 19.96
CA ASN A 99 4.19 8.09 19.81
C ASN A 99 5.37 8.32 18.90
N ILE A 100 5.13 8.99 17.78
CA ILE A 100 6.20 9.28 16.83
C ILE A 100 7.31 10.16 17.43
N TYR A 101 6.95 11.28 18.04
CA TYR A 101 7.98 12.16 18.57
C TYR A 101 8.68 11.58 19.81
N THR A 102 7.93 10.84 20.64
CA THR A 102 8.56 10.25 21.82
C THR A 102 9.59 9.23 21.37
N THR A 103 9.23 8.42 20.38
CA THR A 103 10.15 7.42 19.86
C THR A 103 11.46 8.01 19.32
N GLN A 104 11.37 9.07 18.54
CA GLN A 104 12.57 9.69 18.00
C GLN A 104 13.39 10.24 19.17
N HIS A 105 12.73 10.90 20.10
CA HIS A 105 13.42 11.46 21.25
C HIS A 105 14.19 10.35 21.98
N ARG A 106 13.56 9.21 22.21
CA ARG A 106 14.19 8.09 22.90
C ARG A 106 15.39 7.57 22.12
N LEU A 107 15.27 7.58 20.80
CA LEU A 107 16.36 7.14 19.93
C LEU A 107 17.51 8.12 20.08
N ASP A 108 17.21 9.42 19.95
CA ASP A 108 18.22 10.46 20.07
C ASP A 108 18.96 10.37 21.41
N GLN A 109 18.26 10.00 22.48
CA GLN A 109 18.87 9.90 23.80
C GLN A 109 19.60 8.57 24.00
N GLY A 110 19.44 7.65 23.04
CA GLY A 110 20.09 6.36 23.13
C GLY A 110 19.39 5.37 24.03
N GLU A 111 18.10 5.60 24.29
CA GLU A 111 17.34 4.71 25.16
C GLU A 111 16.81 3.48 24.42
N ILE A 112 16.76 3.56 23.09
CA ILE A 112 16.32 2.43 22.27
C ILE A 112 17.20 2.42 21.04
N SER A 113 17.28 1.28 20.37
CA SER A 113 18.12 1.13 19.18
C SER A 113 17.44 1.63 17.92
N ALA A 114 18.25 1.83 16.87
CA ALA A 114 17.76 2.28 15.58
C ALA A 114 16.72 1.27 15.10
N GLY A 115 16.99 0.00 15.37
CA GLY A 115 16.07 -1.06 15.00
C GLY A 115 14.71 -0.93 15.67
N ASP A 116 14.68 -0.71 16.99
CA ASP A 116 13.42 -0.57 17.72
C ASP A 116 12.66 0.68 17.24
N ALA A 117 13.39 1.75 16.97
CA ALA A 117 12.75 2.98 16.51
C ALA A 117 12.07 2.78 15.16
N ALA A 118 12.79 2.14 14.24
CA ALA A 118 12.25 1.92 12.88
C ALA A 118 10.96 1.10 12.86
N VAL A 119 10.84 0.08 13.71
CA VAL A 119 9.61 -0.70 13.68
C VAL A 119 8.47 0.16 14.20
N VAL A 120 8.76 1.04 15.15
CA VAL A 120 7.71 1.90 15.66
C VAL A 120 7.31 2.93 14.60
N MET A 121 8.31 3.57 14.00
CA MET A 121 8.01 4.57 12.98
C MET A 121 7.26 3.99 11.80
N THR A 122 7.66 2.79 11.39
CA THR A 122 7.02 2.17 10.24
C THR A 122 5.55 1.88 10.53
N SER A 123 5.27 1.26 11.67
CA SER A 123 3.89 0.95 12.05
C SER A 123 3.09 2.22 12.23
N ALA A 124 3.71 3.24 12.80
CA ALA A 124 2.99 4.49 13.02
C ALA A 124 2.67 5.17 11.70
N GLN A 125 3.58 5.11 10.73
CA GLN A 125 3.31 5.76 9.44
C GLN A 125 2.13 5.13 8.73
N ILE A 126 1.91 3.84 8.97
CA ILE A 126 0.77 3.14 8.36
C ILE A 126 -0.52 3.79 8.92
N THR A 127 -0.57 3.97 10.23
CA THR A 127 -1.71 4.61 10.86
C THR A 127 -1.90 6.04 10.33
N MET A 128 -0.79 6.77 10.22
CA MET A 128 -0.87 8.15 9.74
C MET A 128 -1.47 8.27 8.34
N GLY A 129 -1.09 7.36 7.45
CA GLY A 129 -1.56 7.47 6.08
C GLY A 129 -2.89 6.83 5.71
N MET A 130 -3.45 6.03 6.62
CA MET A 130 -4.71 5.32 6.33
C MET A 130 -5.84 6.19 5.79
N PRO A 131 -6.15 7.35 6.43
CA PRO A 131 -7.23 8.20 5.92
C PRO A 131 -6.99 8.67 4.48
N TYR A 132 -5.74 8.99 4.15
CA TYR A 132 -5.43 9.45 2.79
C TYR A 132 -5.57 8.32 1.80
N ALA A 133 -5.06 7.16 2.18
CA ALA A 133 -5.10 6.02 1.30
C ALA A 133 -6.51 5.52 1.03
N VAL A 134 -7.33 5.41 2.07
CA VAL A 134 -8.67 4.93 1.83
C VAL A 134 -9.49 5.95 1.04
N THR A 135 -9.24 7.22 1.28
CA THR A 135 -9.93 8.30 0.57
C THR A 135 -9.57 8.30 -0.90
N ASP A 136 -8.29 8.09 -1.20
CA ASP A 136 -7.87 8.07 -2.59
C ASP A 136 -8.51 6.86 -3.28
N ALA A 137 -8.52 5.72 -2.60
CA ALA A 137 -9.08 4.50 -3.17
C ALA A 137 -10.55 4.58 -3.52
N VAL A 138 -11.35 5.23 -2.68
CA VAL A 138 -12.77 5.33 -2.98
C VAL A 138 -13.07 6.45 -3.96
N LEU A 139 -12.19 7.45 -4.01
CA LEU A 139 -12.38 8.57 -4.92
C LEU A 139 -11.98 8.21 -6.36
N ALA A 140 -10.93 7.40 -6.48
CA ALA A 140 -10.36 7.01 -7.77
C ALA A 140 -11.33 6.66 -8.90
N PRO A 141 -12.29 5.76 -8.65
CA PRO A 141 -13.24 5.39 -9.72
C PRO A 141 -14.08 6.55 -10.26
N HIS A 142 -14.19 7.63 -9.49
CA HIS A 142 -14.99 8.79 -9.91
C HIS A 142 -14.25 9.79 -10.77
N ILE A 143 -12.93 9.65 -10.86
CA ILE A 143 -12.11 10.59 -11.61
C ILE A 143 -11.97 10.22 -13.08
N GLY A 144 -12.34 11.14 -13.95
CA GLY A 144 -12.24 10.88 -15.38
C GLY A 144 -11.00 11.53 -15.99
N GLY A 145 -11.04 11.79 -17.28
CA GLY A 145 -9.87 12.40 -17.91
C GLY A 145 -9.85 13.91 -17.77
N GLU A 146 -8.74 14.52 -18.19
CA GLU A 146 -8.62 15.96 -18.13
C GLU A 146 -9.74 16.60 -18.92
N ALA A 147 -10.17 17.77 -18.47
CA ALA A 147 -11.25 18.51 -19.12
C ALA A 147 -10.68 19.69 -19.89
N PRO A 153 -14.29 27.16 -18.30
CA PRO A 153 -15.21 27.55 -17.22
C PRO A 153 -14.85 26.95 -15.86
N PRO A 154 -15.38 27.54 -14.78
CA PRO A 154 -15.11 27.05 -13.41
C PRO A 154 -15.59 25.62 -13.20
N PRO A 155 -14.98 24.90 -12.24
CA PRO A 155 -15.33 23.51 -11.93
C PRO A 155 -16.66 23.44 -11.19
N ALA A 156 -17.36 22.33 -11.36
CA ALA A 156 -18.63 22.13 -10.67
C ALA A 156 -18.31 21.93 -9.19
N LEU A 157 -17.13 21.38 -8.91
CA LEU A 157 -16.70 21.12 -7.55
C LEU A 157 -15.19 21.25 -7.41
N THR A 158 -14.77 21.87 -6.31
CA THR A 158 -13.36 22.02 -6.02
C THR A 158 -13.16 21.34 -4.68
N LEU A 159 -12.30 20.33 -4.68
CA LEU A 159 -11.99 19.58 -3.49
C LEU A 159 -10.58 19.94 -3.04
N ILE A 160 -10.47 20.51 -1.84
CA ILE A 160 -9.19 20.91 -1.27
C ILE A 160 -8.86 19.93 -0.16
N PHE A 161 -7.71 19.27 -0.25
CA PHE A 161 -7.27 18.31 0.76
C PHE A 161 -6.12 18.80 1.59
N ASP A 162 -6.13 18.42 2.86
CA ASP A 162 -5.02 18.73 3.74
C ASP A 162 -4.13 17.48 3.49
N ARG A 163 -3.16 17.64 2.60
CA ARG A 163 -2.20 16.61 2.21
C ARG A 163 -2.65 15.54 1.21
N HIS A 164 -1.65 14.98 0.53
CA HIS A 164 -1.84 13.94 -0.48
C HIS A 164 -1.24 12.65 0.12
N PRO A 165 -1.65 11.49 -0.37
CA PRO A 165 -1.11 10.23 0.12
C PRO A 165 0.43 10.20 0.15
N ILE A 166 1.10 10.86 -0.81
CA ILE A 166 2.58 10.80 -0.75
C ILE A 166 3.19 11.40 0.52
N ALA A 167 2.46 12.21 1.26
CA ALA A 167 3.04 12.74 2.51
C ALA A 167 3.36 11.58 3.46
N ALA A 168 2.41 10.67 3.59
CA ALA A 168 2.59 9.54 4.51
C ALA A 168 3.27 8.32 3.92
N LEU A 169 3.25 8.17 2.59
CA LEU A 169 3.86 7.02 1.93
C LEU A 169 5.21 7.32 1.30
N LEU A 170 5.65 8.56 1.39
CA LEU A 170 6.95 8.90 0.82
C LEU A 170 7.72 9.93 1.61
N CYS A 171 7.13 11.11 1.77
CA CYS A 171 7.82 12.23 2.40
C CYS A 171 8.18 12.07 3.88
N TYR A 172 7.21 11.77 4.73
CA TYR A 172 7.56 11.59 6.13
C TYR A 172 8.43 10.33 6.31
N PRO A 173 8.15 9.25 5.56
CA PRO A 173 9.03 8.09 5.75
C PRO A 173 10.47 8.46 5.35
N ALA A 174 10.63 9.18 4.25
CA ALA A 174 11.98 9.57 3.80
C ALA A 174 12.65 10.48 4.84
N ALA A 175 11.87 11.38 5.43
CA ALA A 175 12.43 12.26 6.45
C ALA A 175 12.88 11.43 7.67
N ARG A 176 12.07 10.46 8.09
CA ARG A 176 12.45 9.63 9.23
C ARG A 176 13.68 8.78 8.89
N TYR A 177 13.80 8.36 7.63
CA TYR A 177 15.01 7.63 7.24
C TYR A 177 16.18 8.58 7.50
N LEU A 178 16.07 9.83 7.07
CA LEU A 178 17.15 10.80 7.28
C LEU A 178 17.42 11.08 8.78
N MET A 179 16.43 10.80 9.62
CA MET A 179 16.54 10.99 11.06
C MET A 179 17.04 9.72 11.73
N GLY A 180 17.42 8.72 10.92
CA GLY A 180 17.90 7.47 11.47
C GLY A 180 16.84 6.57 12.10
N SER A 181 15.56 6.91 11.95
CA SER A 181 14.50 6.13 12.56
C SER A 181 13.60 5.32 11.61
N MET A 182 14.05 5.10 10.38
CA MET A 182 13.32 4.25 9.43
C MET A 182 14.31 3.61 8.45
N THR A 183 14.11 2.34 8.11
CA THR A 183 15.04 1.72 7.15
C THR A 183 14.67 2.19 5.75
N PRO A 184 15.65 2.27 4.84
CA PRO A 184 15.31 2.71 3.48
C PRO A 184 14.47 1.65 2.76
N GLN A 185 14.59 0.39 3.16
CA GLN A 185 13.77 -0.67 2.56
C GLN A 185 12.29 -0.45 2.88
N ALA A 186 12.00 0.07 4.07
CA ALA A 186 10.61 0.34 4.46
C ALA A 186 10.11 1.51 3.65
N VAL A 187 10.97 2.51 3.47
CA VAL A 187 10.57 3.67 2.69
C VAL A 187 10.16 3.23 1.28
N LEU A 188 10.97 2.39 0.66
CA LEU A 188 10.67 1.91 -0.69
C LEU A 188 9.43 0.99 -0.73
N ALA A 189 9.13 0.35 0.40
CA ALA A 189 7.94 -0.48 0.46
C ALA A 189 6.73 0.45 0.43
N PHE A 190 6.78 1.56 1.16
CA PHE A 190 5.66 2.52 1.11
C PHE A 190 5.57 3.12 -0.29
N VAL A 191 6.72 3.40 -0.90
CA VAL A 191 6.72 3.98 -2.24
C VAL A 191 5.99 3.04 -3.22
N ALA A 192 6.30 1.74 -3.13
CA ALA A 192 5.69 0.76 -4.02
C ALA A 192 4.17 0.71 -3.88
N LEU A 193 3.65 1.21 -2.76
CA LEU A 193 2.20 1.22 -2.52
C LEU A 193 1.54 2.56 -2.83
N ILE A 194 2.29 3.51 -3.37
CA ILE A 194 1.70 4.81 -3.72
C ILE A 194 0.68 4.55 -4.82
N PRO A 195 -0.56 5.01 -4.63
CA PRO A 195 -1.61 4.80 -5.65
C PRO A 195 -1.25 5.42 -6.99
N PRO A 196 -1.74 4.84 -8.11
CA PRO A 196 -1.46 5.37 -9.45
C PRO A 196 -1.87 6.86 -9.47
N THR A 197 -1.05 7.70 -10.10
CA THR A 197 -1.38 9.11 -10.15
C THR A 197 -2.44 9.35 -11.22
N LEU A 198 -3.58 9.83 -10.77
CA LEU A 198 -4.69 10.08 -11.67
C LEU A 198 -4.57 11.47 -12.28
N PRO A 199 -5.30 11.70 -13.38
CA PRO A 199 -5.28 13.00 -14.07
C PRO A 199 -5.72 14.06 -13.07
N GLY A 200 -5.22 15.27 -13.23
CA GLY A 200 -5.62 16.36 -12.35
C GLY A 200 -5.10 16.31 -10.92
N THR A 201 -3.92 15.72 -10.69
CA THR A 201 -3.36 15.68 -9.34
C THR A 201 -2.48 16.92 -9.13
N ASN A 202 -3.11 17.98 -8.62
CA ASN A 202 -2.45 19.25 -8.34
C ASN A 202 -2.01 19.26 -6.88
N ILE A 203 -0.71 19.44 -6.68
CA ILE A 203 -0.16 19.43 -5.34
C ILE A 203 0.49 20.79 -5.07
N VAL A 204 0.08 21.43 -3.99
CA VAL A 204 0.63 22.73 -3.62
C VAL A 204 1.63 22.52 -2.49
N LEU A 205 2.88 22.92 -2.72
CA LEU A 205 3.93 22.78 -1.70
C LEU A 205 4.27 24.19 -1.21
N GLY A 206 4.81 24.29 -0.01
CA GLY A 206 5.11 25.61 0.52
C GLY A 206 6.55 26.08 0.49
N ALA A 207 6.69 27.40 0.52
CA ALA A 207 8.00 28.06 0.53
C ALA A 207 7.96 28.96 1.75
N LEU A 208 9.01 28.92 2.56
CA LEU A 208 9.08 29.73 3.76
C LEU A 208 10.51 29.68 4.30
N PRO A 209 11.10 30.86 4.57
CA PRO A 209 12.47 30.89 5.10
C PRO A 209 12.52 30.06 6.39
N GLU A 210 13.63 29.39 6.62
CA GLU A 210 13.82 28.53 7.79
C GLU A 210 13.52 29.14 9.15
N ASP A 211 14.06 30.33 9.40
CA ASP A 211 13.83 30.98 10.69
C ASP A 211 12.35 31.29 10.89
N ARG A 212 11.70 31.81 9.85
CA ARG A 212 10.27 32.11 9.93
C ARG A 212 9.50 30.81 10.17
N HIS A 213 9.94 29.75 9.50
CA HIS A 213 9.30 28.45 9.62
C HIS A 213 9.41 27.98 11.08
N ILE A 214 10.60 28.12 11.66
CA ILE A 214 10.80 27.74 13.06
C ILE A 214 9.84 28.49 14.00
N ASP A 215 9.62 29.79 13.77
CA ASP A 215 8.70 30.56 14.62
C ASP A 215 7.28 30.01 14.51
N ARG A 216 6.81 29.74 13.29
CA ARG A 216 5.47 29.19 13.10
C ARG A 216 5.36 27.80 13.68
N LEU A 217 6.40 27.00 13.49
CA LEU A 217 6.42 25.63 14.02
C LEU A 217 6.16 25.63 15.52
N ALA A 218 6.82 26.56 16.22
CA ALA A 218 6.67 26.67 17.66
C ALA A 218 5.20 26.96 18.03
N LYS A 219 4.49 27.65 17.15
CA LYS A 219 3.08 27.98 17.36
C LYS A 219 2.12 26.87 16.91
N ARG A 220 2.50 26.15 15.86
CA ARG A 220 1.65 25.10 15.29
C ARG A 220 1.86 23.66 15.78
N GLN A 221 2.42 23.47 16.97
CA GLN A 221 2.65 22.13 17.48
C GLN A 221 1.37 21.31 17.71
N ARG A 222 1.34 20.10 17.18
CA ARG A 222 0.16 19.23 17.34
C ARG A 222 0.24 18.54 18.70
N PRO A 223 -0.88 17.97 19.17
CA PRO A 223 -0.87 17.28 20.47
C PRO A 223 0.14 16.12 20.43
N GLY A 224 1.09 16.13 21.38
CA GLY A 224 2.10 15.09 21.44
C GLY A 224 3.37 15.44 20.67
N GLU A 225 3.35 16.51 19.89
CA GLU A 225 4.52 16.91 19.11
C GLU A 225 5.64 17.51 19.96
N ARG A 226 6.88 17.24 19.56
CA ARG A 226 8.04 17.82 20.24
C ARG A 226 8.73 18.69 19.20
N LEU A 227 9.14 19.90 19.60
CA LEU A 227 9.78 20.82 18.68
C LEU A 227 11.15 20.19 18.35
N ASP A 228 11.28 19.68 17.14
CA ASP A 228 12.50 19.03 16.70
C ASP A 228 13.02 19.76 15.46
N LEU A 229 14.10 20.51 15.61
CA LEU A 229 14.66 21.26 14.48
C LEU A 229 15.38 20.34 13.50
N ALA A 230 15.91 19.22 13.98
CA ALA A 230 16.57 18.27 13.08
C ALA A 230 15.47 17.68 12.14
N MET A 231 14.32 17.34 12.71
CA MET A 231 13.22 16.82 11.88
C MET A 231 12.70 17.94 10.98
N LEU A 232 12.66 19.18 11.45
CA LEU A 232 12.19 20.25 10.58
C LEU A 232 13.09 20.39 9.34
N ALA A 233 14.40 20.27 9.54
CA ALA A 233 15.36 20.38 8.45
C ALA A 233 15.19 19.17 7.51
N ALA A 234 14.99 17.99 8.09
CA ALA A 234 14.82 16.78 7.29
C ALA A 234 13.56 16.85 6.42
N ILE A 235 12.45 17.30 6.99
CA ILE A 235 11.24 17.33 6.20
C ILE A 235 11.30 18.46 5.17
N ARG A 236 11.95 19.57 5.50
CA ARG A 236 12.09 20.66 4.53
C ARG A 236 12.95 20.14 3.37
N ARG A 237 14.02 19.42 3.70
CA ARG A 237 14.89 18.87 2.64
C ARG A 237 14.13 17.91 1.71
N VAL A 238 13.37 16.99 2.29
CA VAL A 238 12.60 16.04 1.52
C VAL A 238 11.61 16.72 0.58
N TYR A 239 10.86 17.71 1.07
CA TYR A 239 9.90 18.36 0.19
C TYR A 239 10.59 19.18 -0.90
N GLY A 240 11.77 19.73 -0.56
CA GLY A 240 12.55 20.47 -1.54
C GLY A 240 13.02 19.51 -2.63
N LEU A 241 13.53 18.35 -2.23
CA LEU A 241 13.97 17.33 -3.18
C LEU A 241 12.78 16.86 -4.00
N LEU A 242 11.61 16.77 -3.37
CA LEU A 242 10.39 16.34 -4.06
C LEU A 242 10.06 17.29 -5.22
N ALA A 243 10.06 18.60 -4.96
CA ALA A 243 9.75 19.54 -6.03
C ALA A 243 10.78 19.41 -7.16
N ASN A 244 12.05 19.28 -6.80
CA ASN A 244 13.12 19.14 -7.80
C ASN A 244 12.95 17.87 -8.59
N THR A 245 12.55 16.79 -7.91
CA THR A 245 12.36 15.52 -8.57
C THR A 245 11.26 15.60 -9.64
N VAL A 246 10.13 16.25 -9.31
CA VAL A 246 9.07 16.36 -10.30
C VAL A 246 9.60 17.09 -11.54
N ARG A 247 10.32 18.21 -11.36
CA ARG A 247 10.87 18.94 -12.51
C ARG A 247 11.88 18.08 -13.29
N TYR A 248 12.78 17.43 -12.56
CA TYR A 248 13.77 16.54 -13.16
C TYR A 248 13.07 15.55 -14.11
N LEU A 249 12.01 14.91 -13.62
CA LEU A 249 11.27 13.94 -14.42
C LEU A 249 10.50 14.55 -15.59
N GLN A 250 9.84 15.68 -15.35
CA GLN A 250 9.07 16.33 -16.39
C GLN A 250 9.95 16.79 -17.56
N CYS A 251 11.21 17.11 -17.26
CA CYS A 251 12.17 17.54 -18.27
C CYS A 251 12.90 16.37 -18.91
N GLY A 252 12.42 15.16 -18.64
CA GLY A 252 13.02 13.97 -19.24
C GLY A 252 14.10 13.22 -18.53
N GLY A 253 14.37 13.58 -17.27
CA GLY A 253 15.42 12.87 -16.54
C GLY A 253 15.16 11.39 -16.38
N SER A 254 16.21 10.59 -16.54
CA SER A 254 16.12 9.14 -16.37
C SER A 254 17.07 8.78 -15.23
N TRP A 255 16.50 8.39 -14.09
CA TRP A 255 17.33 8.07 -12.95
C TRP A 255 18.34 6.96 -13.23
N ARG A 256 17.97 5.97 -14.03
CA ARG A 256 18.89 4.87 -14.32
C ARG A 256 20.08 5.37 -15.12
N GLU A 257 19.84 6.33 -15.99
CA GLU A 257 20.89 6.91 -16.82
C GLU A 257 21.82 7.80 -16.03
N ASP A 258 21.29 8.51 -15.03
CA ASP A 258 22.10 9.43 -14.24
C ASP A 258 22.62 8.88 -12.92
N TRP A 259 22.20 7.65 -12.58
CA TRP A 259 22.60 7.06 -11.33
C TRP A 259 24.11 7.11 -11.05
N GLY A 260 24.91 6.91 -12.09
CA GLY A 260 26.36 6.94 -11.93
C GLY A 260 26.89 8.26 -11.42
N GLN A 261 26.16 9.34 -11.69
CA GLN A 261 26.58 10.65 -11.24
C GLN A 261 26.57 10.80 -9.72
N LEU A 262 25.80 9.95 -9.04
CA LEU A 262 25.71 10.02 -7.59
C LEU A 262 27.02 9.53 -6.93
N SER A 263 27.78 8.73 -7.66
CA SER A 263 29.03 8.18 -7.15
C SER A 263 30.24 8.56 -7.99
N GLY A 264 30.17 8.25 -9.28
CA GLY A 264 31.26 8.56 -10.19
C GLY A 264 31.37 10.05 -10.45
N THR A 265 30.87 10.86 -9.53
CA THR A 265 30.91 12.31 -9.65
C THR A 265 30.58 12.77 -11.07
N GLY A 279 15.59 18.22 -21.31
CA GLY A 279 16.39 19.43 -21.37
C GLY A 279 16.99 19.83 -20.04
N PRO A 280 17.40 21.10 -19.87
CA PRO A 280 17.99 21.57 -18.62
C PRO A 280 17.15 21.08 -17.44
N ARG A 281 17.80 20.46 -16.47
CA ARG A 281 17.09 19.92 -15.33
C ARG A 281 17.99 19.80 -14.13
N PRO A 282 17.41 19.60 -12.94
CA PRO A 282 18.23 19.47 -11.74
C PRO A 282 19.17 18.28 -11.86
N HIS A 283 20.28 18.34 -11.14
CA HIS A 283 21.25 17.25 -11.09
C HIS A 283 20.53 16.19 -10.24
N ILE A 284 20.75 14.91 -10.55
CA ILE A 284 20.10 13.85 -9.80
C ILE A 284 20.41 13.94 -8.32
N GLY A 285 21.57 14.49 -8.00
CA GLY A 285 21.99 14.65 -6.61
C GLY A 285 21.08 15.59 -5.84
N ASP A 286 20.28 16.37 -6.56
CA ASP A 286 19.33 17.29 -5.94
C ASP A 286 17.88 16.80 -6.05
N THR A 287 17.71 15.49 -6.22
CA THR A 287 16.37 14.91 -6.30
C THR A 287 16.27 13.80 -5.25
N LEU A 288 15.07 13.25 -5.08
CA LEU A 288 14.85 12.19 -4.08
C LEU A 288 15.66 10.95 -4.38
N PHE A 289 16.08 10.79 -5.63
CA PHE A 289 16.83 9.60 -5.97
C PHE A 289 18.11 9.49 -5.17
N THR A 290 18.68 10.63 -4.82
CA THR A 290 19.94 10.62 -4.09
C THR A 290 19.81 9.93 -2.72
N LEU A 291 18.62 9.94 -2.14
CA LEU A 291 18.44 9.33 -0.82
C LEU A 291 18.56 7.82 -0.86
N PHE A 292 18.31 7.24 -2.04
CA PHE A 292 18.34 5.79 -2.18
C PHE A 292 19.65 5.17 -2.59
N ARG A 293 20.72 5.95 -2.49
CA ARG A 293 22.04 5.43 -2.75
C ARG A 293 22.46 4.88 -1.37
N ALA A 294 21.46 4.55 -0.55
CA ALA A 294 21.70 4.01 0.80
C ALA A 294 22.35 2.65 0.69
N PRO A 295 23.43 2.41 1.48
CA PRO A 295 24.13 1.12 1.43
C PRO A 295 23.27 -0.12 1.70
N GLU A 296 22.22 0.03 2.51
CA GLU A 296 21.34 -1.12 2.81
C GLU A 296 20.70 -1.66 1.52
N LEU A 297 20.59 -0.79 0.51
CA LEU A 297 19.93 -1.15 -0.74
C LEU A 297 20.88 -1.66 -1.84
N LEU A 298 22.17 -1.68 -1.54
CA LEU A 298 23.16 -2.07 -2.53
C LEU A 298 23.79 -3.43 -2.33
N ALA A 299 24.11 -4.09 -3.45
CA ALA A 299 24.75 -5.41 -3.42
C ALA A 299 26.22 -5.18 -3.08
N PRO A 300 26.97 -6.27 -2.76
CA PRO A 300 28.40 -6.12 -2.42
C PRO A 300 29.20 -5.37 -3.47
N ASN A 301 28.81 -5.47 -4.75
CA ASN A 301 29.53 -4.78 -5.80
C ASN A 301 29.03 -3.36 -6.00
N GLY A 302 28.11 -2.91 -5.15
CA GLY A 302 27.62 -1.56 -5.27
C GLY A 302 26.39 -1.32 -6.13
N ASP A 303 25.95 -2.33 -6.88
CA ASP A 303 24.77 -2.21 -7.72
C ASP A 303 23.54 -2.15 -6.82
N LEU A 304 22.52 -1.42 -7.24
CA LEU A 304 21.28 -1.36 -6.48
C LEU A 304 20.54 -2.68 -6.78
N TYR A 305 19.96 -3.33 -5.78
CA TYR A 305 19.22 -4.56 -6.06
C TYR A 305 18.04 -4.18 -6.96
N ASN A 306 17.66 -5.09 -7.85
CA ASN A 306 16.57 -4.83 -8.79
C ASN A 306 15.24 -4.51 -8.14
N VAL A 307 14.97 -5.16 -7.02
CA VAL A 307 13.71 -4.93 -6.33
C VAL A 307 13.60 -3.45 -5.90
N PHE A 308 14.71 -2.82 -5.53
CA PHE A 308 14.70 -1.42 -5.13
C PHE A 308 14.70 -0.53 -6.37
N ALA A 309 15.39 -0.96 -7.42
CA ALA A 309 15.42 -0.19 -8.66
C ALA A 309 13.99 -0.12 -9.18
N TRP A 310 13.25 -1.24 -9.05
CA TRP A 310 11.87 -1.25 -9.51
C TRP A 310 11.01 -0.25 -8.73
N ALA A 311 11.23 -0.14 -7.42
CA ALA A 311 10.49 0.81 -6.59
C ALA A 311 10.82 2.25 -7.05
N LEU A 312 12.06 2.48 -7.48
CA LEU A 312 12.41 3.82 -7.97
C LEU A 312 11.71 4.07 -9.30
N ASP A 313 11.53 3.02 -10.10
CA ASP A 313 10.81 3.15 -11.37
C ASP A 313 9.36 3.53 -11.03
N VAL A 314 8.83 2.95 -9.95
CA VAL A 314 7.46 3.29 -9.55
C VAL A 314 7.46 4.74 -9.10
N LEU A 315 8.44 5.13 -8.28
CA LEU A 315 8.51 6.52 -7.81
C LEU A 315 8.47 7.49 -8.98
N ALA A 316 9.28 7.21 -10.00
CA ALA A 316 9.36 8.09 -11.16
C ALA A 316 8.03 8.19 -11.88
N LYS A 317 7.36 7.06 -12.04
CA LYS A 317 6.07 7.05 -12.75
C LYS A 317 5.02 7.83 -11.97
N ARG A 318 4.96 7.62 -10.66
CA ARG A 318 3.98 8.33 -9.85
C ARG A 318 4.18 9.86 -9.81
N LEU A 319 5.43 10.30 -9.71
CA LEU A 319 5.70 11.72 -9.56
C LEU A 319 5.71 12.54 -10.82
N ARG A 320 6.09 11.91 -11.93
CA ARG A 320 6.21 12.66 -13.17
C ARG A 320 4.94 13.36 -13.62
N SER A 321 3.80 12.71 -13.41
CA SER A 321 2.55 13.30 -13.86
C SER A 321 1.80 14.17 -12.86
N MET A 322 2.43 14.46 -11.72
CA MET A 322 1.81 15.35 -10.74
C MET A 322 2.09 16.79 -11.18
N HIS A 323 1.16 17.69 -10.85
CA HIS A 323 1.33 19.09 -11.19
C HIS A 323 1.59 19.82 -9.87
N VAL A 324 2.82 20.31 -9.72
CA VAL A 324 3.27 20.99 -8.53
C VAL A 324 3.12 22.52 -8.65
N PHE A 325 2.72 23.14 -7.54
CA PHE A 325 2.58 24.60 -7.47
C PHE A 325 3.17 25.02 -6.13
N ILE A 326 3.96 26.10 -6.13
CA ILE A 326 4.59 26.57 -4.89
C ILE A 326 3.85 27.78 -4.32
N LEU A 327 3.47 27.68 -3.05
CA LEU A 327 2.76 28.76 -2.36
C LEU A 327 3.70 29.39 -1.36
N ASP A 328 3.90 30.70 -1.49
CA ASP A 328 4.77 31.41 -0.57
C ASP A 328 3.99 31.62 0.73
N TYR A 329 4.43 31.02 1.83
CA TYR A 329 3.73 31.17 3.08
C TYR A 329 4.25 32.34 3.91
N ASP A 330 5.28 32.99 3.41
CA ASP A 330 5.91 34.12 4.08
C ASP A 330 5.06 35.39 3.96
N GLN A 331 3.79 35.28 4.31
CA GLN A 331 2.86 36.40 4.27
C GLN A 331 1.70 36.14 5.23
N SER A 332 0.75 37.08 5.30
CA SER A 332 -0.39 36.93 6.20
C SER A 332 -1.34 35.83 5.75
N PRO A 333 -2.13 35.28 6.68
CA PRO A 333 -3.10 34.21 6.38
C PRO A 333 -4.01 34.57 5.22
N ALA A 334 -4.36 35.85 5.14
CA ALA A 334 -5.22 36.33 4.07
C ALA A 334 -4.43 36.34 2.77
N GLY A 335 -3.14 36.68 2.88
CA GLY A 335 -2.28 36.71 1.71
C GLY A 335 -2.05 35.29 1.19
N CYS A 336 -1.81 34.37 2.12
CA CYS A 336 -1.60 32.97 1.75
C CYS A 336 -2.84 32.45 1.05
N ARG A 337 -3.99 32.77 1.61
CA ARG A 337 -5.28 32.35 1.07
C ARG A 337 -5.51 32.86 -0.34
N ASP A 338 -5.19 34.13 -0.56
CA ASP A 338 -5.39 34.72 -1.88
C ASP A 338 -4.40 34.12 -2.87
N ALA A 339 -3.15 33.95 -2.45
CA ALA A 339 -2.12 33.36 -3.32
C ALA A 339 -2.55 31.97 -3.77
N LEU A 340 -3.12 31.20 -2.84
CA LEU A 340 -3.59 29.85 -3.18
C LEU A 340 -4.68 29.95 -4.23
N LEU A 341 -5.56 30.91 -4.07
CA LEU A 341 -6.64 31.11 -5.03
C LEU A 341 -6.05 31.51 -6.39
N GLN A 342 -4.98 32.29 -6.37
CA GLN A 342 -4.32 32.73 -7.60
C GLN A 342 -3.74 31.51 -8.33
N LEU A 343 -3.18 30.58 -7.56
CA LEU A 343 -2.57 29.38 -8.13
C LEU A 343 -3.51 28.44 -8.88
N THR A 344 -4.81 28.50 -8.57
CA THR A 344 -5.76 27.61 -9.20
C THR A 344 -5.96 27.77 -10.70
N SER A 345 -5.68 28.96 -11.25
CA SER A 345 -5.86 29.18 -12.70
C SER A 345 -5.02 28.23 -13.56
N GLY A 346 -3.87 27.80 -13.05
CA GLY A 346 -3.03 26.89 -13.80
C GLY A 346 -3.21 25.44 -13.41
N MET A 347 -4.15 25.15 -12.51
CA MET A 347 -4.35 23.77 -12.10
C MET A 347 -5.14 22.98 -13.11
N VAL A 348 -4.95 21.67 -13.10
CA VAL A 348 -5.63 20.82 -14.05
C VAL A 348 -6.92 20.23 -13.52
N GLN A 349 -7.99 20.43 -14.27
CA GLN A 349 -9.30 19.94 -13.90
C GLN A 349 -9.58 18.64 -14.67
N THR A 350 -10.49 17.83 -14.15
CA THR A 350 -10.85 16.59 -14.83
C THR A 350 -12.37 16.47 -14.84
N HIS A 351 -12.88 15.53 -15.64
CA HIS A 351 -14.30 15.28 -15.66
C HIS A 351 -14.46 14.20 -14.59
N VAL A 352 -15.68 13.94 -14.16
CA VAL A 352 -15.92 12.87 -13.22
C VAL A 352 -16.51 11.78 -14.10
N THR A 353 -16.63 10.57 -13.59
CA THR A 353 -17.13 9.49 -14.42
C THR A 353 -18.64 9.28 -14.49
N THR A 354 -19.37 9.71 -13.46
CA THR A 354 -20.80 9.53 -13.46
C THR A 354 -21.56 10.80 -13.09
N PRO A 355 -22.85 10.85 -13.40
CA PRO A 355 -23.65 12.03 -13.08
C PRO A 355 -23.68 12.22 -11.57
N GLY A 356 -23.74 11.12 -10.84
CA GLY A 356 -23.81 11.19 -9.39
C GLY A 356 -22.47 11.31 -8.66
N SER A 357 -21.38 11.37 -9.40
CA SER A 357 -20.05 11.48 -8.78
C SER A 357 -19.92 12.71 -7.89
N ILE A 358 -20.27 13.88 -8.41
CA ILE A 358 -20.18 15.10 -7.62
C ILE A 358 -20.83 15.01 -6.25
N PRO A 359 -22.12 14.62 -6.17
CA PRO A 359 -22.81 14.52 -4.89
C PRO A 359 -22.12 13.51 -3.97
N THR A 360 -21.67 12.40 -4.56
CA THR A 360 -20.99 11.36 -3.78
C THR A 360 -19.68 11.89 -3.20
N ILE A 361 -18.91 12.61 -4.02
CA ILE A 361 -17.65 13.19 -3.60
C ILE A 361 -17.88 14.16 -2.45
N CYS A 362 -18.90 15.01 -2.58
CA CYS A 362 -19.23 15.96 -1.53
C CYS A 362 -19.52 15.25 -0.21
N ASP A 363 -20.33 14.19 -0.27
CA ASP A 363 -20.70 13.42 0.92
C ASP A 363 -19.45 12.84 1.57
N LEU A 364 -18.61 12.21 0.76
CA LEU A 364 -17.36 11.61 1.23
C LEU A 364 -16.55 12.66 1.99
N ALA A 365 -16.33 13.81 1.35
CA ALA A 365 -15.58 14.89 1.96
C ALA A 365 -16.17 15.40 3.27
N ARG A 366 -17.48 15.62 3.30
CA ARG A 366 -18.11 16.11 4.52
C ARG A 366 -18.06 15.06 5.62
N THR A 367 -18.29 13.81 5.26
CA THR A 367 -18.27 12.70 6.23
C THR A 367 -16.86 12.55 6.82
N PHE A 368 -15.83 12.66 5.97
CA PHE A 368 -14.43 12.54 6.42
C PHE A 368 -14.18 13.63 7.46
N ALA A 369 -14.50 14.88 7.12
CA ALA A 369 -14.28 16.01 8.01
C ALA A 369 -14.98 15.85 9.36
N ARG A 370 -16.26 15.56 9.30
CA ARG A 370 -17.06 15.40 10.51
C ARG A 370 -16.50 14.28 11.39
N GLU A 371 -16.08 13.18 10.76
CA GLU A 371 -15.59 12.06 11.54
C GLU A 371 -14.15 12.12 12.00
N MET A 372 -13.28 12.64 11.14
CA MET A 372 -11.85 12.67 11.48
C MET A 372 -11.21 14.04 11.65
N GLY A 373 -11.90 15.09 11.24
CA GLY A 373 -11.36 16.42 11.38
C GLY A 373 -11.38 16.84 12.84
N GLU A 374 -10.45 17.73 13.19
CA GLU A 374 -10.35 18.22 14.56
C GLU A 374 -11.65 18.95 14.96
N ALA A 375 -11.91 19.09 16.17
N MET B 46 -2.35 -8.42 -30.58
CA MET B 46 -1.37 -8.52 -29.45
C MET B 46 -1.32 -9.93 -28.85
N PRO B 47 -0.12 -10.37 -28.42
CA PRO B 47 0.03 -11.70 -27.82
C PRO B 47 -0.78 -11.73 -26.52
N THR B 48 -1.14 -12.92 -26.05
CA THR B 48 -1.92 -13.03 -24.83
C THR B 48 -1.05 -13.51 -23.65
N LEU B 49 -1.49 -13.18 -22.44
CA LEU B 49 -0.77 -13.56 -21.22
C LEU B 49 -1.72 -14.26 -20.27
N LEU B 50 -1.21 -15.27 -19.57
CA LEU B 50 -2.00 -15.96 -18.58
C LEU B 50 -1.26 -15.77 -17.24
N ARG B 51 -1.89 -15.11 -16.28
CA ARG B 51 -1.24 -14.94 -14.99
C ARG B 51 -2.01 -15.83 -14.00
N VAL B 52 -1.26 -16.62 -13.23
CA VAL B 52 -1.89 -17.52 -12.26
C VAL B 52 -1.15 -17.36 -10.93
N TYR B 53 -1.87 -16.95 -9.89
CA TYR B 53 -1.27 -16.78 -8.56
C TYR B 53 -1.69 -17.97 -7.69
N ILE B 54 -0.73 -18.76 -7.24
CA ILE B 54 -1.04 -19.91 -6.39
C ILE B 54 -0.89 -19.38 -4.97
N ASP B 55 -1.95 -19.46 -4.18
CA ASP B 55 -1.89 -18.89 -2.83
C ASP B 55 -2.58 -19.79 -1.83
N GLY B 56 -2.68 -19.32 -0.59
CA GLY B 56 -3.32 -20.13 0.42
C GLY B 56 -2.38 -20.32 1.58
N PRO B 57 -2.79 -21.07 2.61
CA PRO B 57 -1.93 -21.30 3.77
C PRO B 57 -0.61 -21.96 3.41
N HIS B 58 0.42 -21.68 4.19
CA HIS B 58 1.70 -22.33 3.97
C HIS B 58 1.56 -23.78 4.43
N GLY B 59 2.39 -24.65 3.87
CA GLY B 59 2.41 -26.05 4.27
C GLY B 59 1.58 -27.05 3.49
N MET B 60 0.95 -26.63 2.40
CA MET B 60 0.11 -27.52 1.63
C MET B 60 0.80 -28.17 0.44
N GLY B 61 1.90 -27.57 -0.03
CA GLY B 61 2.62 -28.10 -1.17
C GLY B 61 2.49 -27.18 -2.38
N LYS B 62 2.16 -25.92 -2.14
CA LYS B 62 1.99 -24.97 -3.22
C LYS B 62 3.27 -24.76 -4.03
N THR B 63 4.37 -24.55 -3.33
CA THR B 63 5.65 -24.29 -4.00
C THR B 63 6.10 -25.42 -4.91
N THR B 64 5.95 -26.65 -4.44
CA THR B 64 6.32 -27.80 -5.24
C THR B 64 5.42 -27.92 -6.47
N THR B 65 4.13 -27.79 -6.24
CA THR B 65 3.16 -27.92 -7.31
C THR B 65 3.45 -26.93 -8.41
N THR B 66 3.78 -25.71 -8.01
CA THR B 66 4.08 -24.67 -8.97
C THR B 66 5.29 -24.99 -9.83
N GLN B 67 6.38 -25.43 -9.22
CA GLN B 67 7.57 -25.74 -9.98
C GLN B 67 7.37 -26.93 -10.90
N LEU B 68 6.57 -27.91 -10.47
CA LEU B 68 6.33 -29.08 -11.29
C LEU B 68 5.55 -28.70 -12.53
N LEU B 69 4.63 -27.76 -12.36
CA LEU B 69 3.82 -27.29 -13.48
C LEU B 69 4.73 -26.60 -14.48
N VAL B 70 5.57 -25.70 -13.98
CA VAL B 70 6.50 -24.97 -14.83
C VAL B 70 7.49 -25.90 -15.53
N ALA B 71 7.89 -26.96 -14.84
CA ALA B 71 8.85 -27.93 -15.42
C ALA B 71 8.26 -28.64 -16.65
N LEU B 72 6.96 -28.57 -16.83
CA LEU B 72 6.31 -29.21 -17.97
C LEU B 72 6.46 -28.43 -19.25
N GLY B 73 6.40 -27.09 -19.16
CA GLY B 73 6.49 -26.27 -20.34
C GLY B 73 7.88 -25.88 -20.78
N SER B 74 7.94 -25.02 -21.80
CA SER B 74 9.21 -24.55 -22.31
C SER B 74 9.72 -23.41 -21.43
N ARG B 75 11.02 -23.43 -21.16
CA ARG B 75 11.63 -22.41 -20.33
C ARG B 75 11.38 -21.04 -20.96
N ASP B 76 10.73 -21.04 -22.11
CA ASP B 76 10.46 -19.82 -22.83
C ASP B 76 9.02 -19.30 -22.72
N ASP B 77 8.05 -20.19 -22.62
CA ASP B 77 6.66 -19.76 -22.56
C ASP B 77 5.95 -19.82 -21.22
N ILE B 78 6.65 -20.26 -20.18
CA ILE B 78 6.07 -20.27 -18.84
C ILE B 78 7.19 -19.92 -17.88
N VAL B 79 6.94 -18.95 -17.00
CA VAL B 79 7.95 -18.53 -16.05
C VAL B 79 7.38 -18.52 -14.63
N TYR B 80 8.21 -18.91 -13.68
CA TYR B 80 7.83 -18.98 -12.28
C TYR B 80 8.35 -17.75 -11.51
N VAL B 81 7.46 -17.14 -10.71
CA VAL B 81 7.82 -16.00 -9.86
C VAL B 81 7.70 -16.60 -8.44
N PRO B 82 8.83 -16.97 -7.84
CA PRO B 82 8.89 -17.58 -6.50
C PRO B 82 8.62 -16.72 -5.30
N GLU B 83 8.54 -17.35 -4.12
CA GLU B 83 8.37 -16.58 -2.90
C GLU B 83 9.71 -15.83 -2.81
N PRO B 84 9.67 -14.54 -2.50
CA PRO B 84 10.91 -13.75 -2.41
C PRO B 84 11.66 -14.02 -1.09
N MET B 85 11.99 -15.28 -0.87
CA MET B 85 12.66 -15.70 0.35
C MET B 85 13.92 -14.88 0.69
N THR B 86 14.75 -14.58 -0.31
CA THR B 86 15.96 -13.82 -0.07
C THR B 86 15.65 -12.39 0.37
N TYR B 87 14.52 -11.85 -0.09
CA TYR B 87 14.13 -10.49 0.33
C TYR B 87 13.75 -10.55 1.79
N TRP B 88 12.99 -11.57 2.17
CA TRP B 88 12.54 -11.72 3.57
C TRP B 88 13.68 -12.02 4.57
N ARG B 89 14.66 -12.80 4.13
CA ARG B 89 15.76 -13.18 5.03
C ARG B 89 16.92 -12.22 5.07
N VAL B 90 17.17 -11.56 3.95
CA VAL B 90 18.32 -10.66 3.85
C VAL B 90 18.12 -9.25 3.30
N LEU B 91 17.59 -9.14 2.08
CA LEU B 91 17.48 -7.83 1.44
C LEU B 91 16.58 -6.78 2.07
N GLY B 92 15.38 -7.17 2.47
CA GLY B 92 14.46 -6.19 3.05
C GLY B 92 14.67 -5.94 4.53
N ALA B 93 15.10 -6.98 5.24
CA ALA B 93 15.37 -6.94 6.67
C ALA B 93 16.04 -8.27 6.97
N SER B 94 16.42 -8.48 8.23
CA SER B 94 17.07 -9.73 8.61
C SER B 94 16.16 -10.79 9.20
N GLU B 95 16.14 -11.98 8.59
CA GLU B 95 15.36 -13.11 9.09
C GLU B 95 13.95 -12.73 9.52
N THR B 96 13.17 -12.21 8.57
CA THR B 96 11.83 -11.77 8.89
C THR B 96 10.91 -12.90 9.29
N ILE B 97 11.08 -14.07 8.68
CA ILE B 97 10.21 -15.19 9.04
C ILE B 97 10.47 -15.56 10.52
N ALA B 98 11.74 -15.63 10.90
CA ALA B 98 12.11 -15.96 12.27
C ALA B 98 11.54 -14.92 13.24
N ASN B 99 11.62 -13.65 12.83
CA ASN B 99 11.12 -12.51 13.60
C ASN B 99 9.60 -12.62 13.85
N ILE B 100 8.86 -12.98 12.81
CA ILE B 100 7.39 -13.15 12.93
C ILE B 100 7.05 -14.26 13.93
N TYR B 101 7.64 -15.44 13.75
CA TYR B 101 7.33 -16.53 14.67
C TYR B 101 7.85 -16.31 16.09
N THR B 102 9.03 -15.72 16.22
CA THR B 102 9.58 -15.46 17.56
C THR B 102 8.69 -14.44 18.26
N THR B 103 8.24 -13.44 17.50
CA THR B 103 7.39 -12.40 18.06
C THR B 103 6.07 -12.96 18.58
N GLN B 104 5.41 -13.82 17.80
CA GLN B 104 4.15 -14.42 18.27
C GLN B 104 4.41 -15.31 19.49
N HIS B 105 5.55 -15.97 19.50
CA HIS B 105 5.91 -16.86 20.61
C HIS B 105 6.06 -16.05 21.89
N ARG B 106 6.84 -14.98 21.82
CA ARG B 106 7.06 -14.13 22.99
C ARG B 106 5.73 -13.55 23.49
N LEU B 107 4.84 -13.22 22.56
CA LEU B 107 3.54 -12.69 22.94
C LEU B 107 2.75 -13.76 23.68
N ASP B 108 2.71 -14.95 23.10
CA ASP B 108 1.99 -16.07 23.69
C ASP B 108 2.51 -16.40 25.09
N GLN B 109 3.81 -16.20 25.30
CA GLN B 109 4.43 -16.48 26.59
C GLN B 109 4.29 -15.30 27.55
N GLY B 110 3.70 -14.22 27.06
CA GLY B 110 3.51 -13.06 27.89
C GLY B 110 4.79 -12.31 28.18
N GLU B 111 5.79 -12.49 27.32
CA GLU B 111 7.08 -11.82 27.49
C GLU B 111 7.07 -10.40 26.94
N ILE B 112 6.14 -10.12 26.03
CA ILE B 112 6.00 -8.80 25.44
C ILE B 112 4.50 -8.49 25.40
N SER B 113 4.16 -7.22 25.27
CA SER B 113 2.76 -6.83 25.25
C SER B 113 2.14 -6.98 23.87
N ALA B 114 0.82 -6.83 23.82
CA ALA B 114 0.09 -6.91 22.57
C ALA B 114 0.56 -5.76 21.70
N GLY B 115 0.74 -4.58 22.31
CA GLY B 115 1.19 -3.41 21.58
C GLY B 115 2.57 -3.61 20.94
N ASP B 116 3.50 -4.19 21.70
CA ASP B 116 4.85 -4.45 21.20
C ASP B 116 4.80 -5.44 20.04
N ALA B 117 3.97 -6.47 20.19
CA ALA B 117 3.86 -7.48 19.16
C ALA B 117 3.32 -6.85 17.86
N ALA B 118 2.27 -6.05 17.99
CA ALA B 118 1.65 -5.40 16.85
C ALA B 118 2.62 -4.51 16.05
N VAL B 119 3.44 -3.70 16.71
CA VAL B 119 4.36 -2.84 15.96
C VAL B 119 5.37 -3.70 15.19
N VAL B 120 5.87 -4.76 15.82
CA VAL B 120 6.81 -5.64 15.15
C VAL B 120 6.16 -6.42 13.98
N MET B 121 4.95 -6.95 14.20
CA MET B 121 4.24 -7.72 13.17
C MET B 121 3.89 -6.85 11.97
N THR B 122 3.42 -5.65 12.26
CA THR B 122 3.02 -4.73 11.21
C THR B 122 4.22 -4.40 10.33
N SER B 123 5.34 -4.04 10.95
CA SER B 123 6.53 -3.75 10.17
C SER B 123 7.01 -4.98 9.41
N ALA B 124 6.97 -6.14 10.05
CA ALA B 124 7.39 -7.38 9.40
C ALA B 124 6.50 -7.65 8.17
N GLN B 125 5.20 -7.46 8.32
CA GLN B 125 4.30 -7.70 7.20
C GLN B 125 4.56 -6.75 6.03
N ILE B 126 5.02 -5.54 6.31
CA ILE B 126 5.32 -4.60 5.22
C ILE B 126 6.49 -5.17 4.45
N THR B 127 7.50 -5.66 5.17
CA THR B 127 8.66 -6.28 4.52
C THR B 127 8.24 -7.50 3.69
N MET B 128 7.35 -8.31 4.25
CA MET B 128 6.88 -9.50 3.55
C MET B 128 6.21 -9.18 2.21
N GLY B 129 5.42 -8.12 2.17
CA GLY B 129 4.71 -7.82 0.93
C GLY B 129 5.40 -6.95 -0.09
N MET B 130 6.52 -6.34 0.28
CA MET B 130 7.16 -5.40 -0.65
C MET B 130 7.46 -5.95 -2.05
N PRO B 131 8.09 -7.14 -2.16
CA PRO B 131 8.38 -7.67 -3.50
C PRO B 131 7.12 -7.90 -4.31
N TYR B 132 6.04 -8.27 -3.64
CA TYR B 132 4.77 -8.52 -4.34
C TYR B 132 4.20 -7.23 -4.88
N ALA B 133 4.18 -6.23 -4.01
CA ALA B 133 3.64 -4.92 -4.38
C ALA B 133 4.42 -4.27 -5.51
N VAL B 134 5.74 -4.32 -5.43
CA VAL B 134 6.55 -3.67 -6.44
C VAL B 134 6.42 -4.38 -7.79
N THR B 135 6.35 -5.70 -7.76
CA THR B 135 6.18 -6.51 -8.98
C THR B 135 4.84 -6.22 -9.64
N ASP B 136 3.80 -6.12 -8.82
CA ASP B 136 2.49 -5.79 -9.32
C ASP B 136 2.53 -4.38 -9.97
N ALA B 137 3.17 -3.43 -9.29
CA ALA B 137 3.24 -2.07 -9.80
C ALA B 137 3.97 -1.95 -11.14
N VAL B 138 5.05 -2.70 -11.35
CA VAL B 138 5.75 -2.59 -12.63
C VAL B 138 5.11 -3.43 -13.73
N LEU B 139 4.34 -4.43 -13.33
CA LEU B 139 3.65 -5.30 -14.29
C LEU B 139 2.39 -4.60 -14.84
N ALA B 140 1.70 -3.89 -13.96
CA ALA B 140 0.45 -3.19 -14.29
C ALA B 140 0.33 -2.50 -15.66
N PRO B 141 1.28 -1.63 -16.01
CA PRO B 141 1.21 -0.93 -17.30
C PRO B 141 1.18 -1.86 -18.54
N HIS B 142 1.64 -3.09 -18.36
CA HIS B 142 1.70 -4.06 -19.45
C HIS B 142 0.42 -4.87 -19.69
N ILE B 143 -0.49 -4.86 -18.72
CA ILE B 143 -1.69 -5.66 -18.83
C ILE B 143 -2.82 -4.96 -19.57
N GLY B 144 -3.32 -5.61 -20.62
CA GLY B 144 -4.43 -5.05 -21.39
C GLY B 144 -5.74 -5.67 -20.95
N GLY B 145 -6.73 -5.69 -21.83
CA GLY B 145 -8.01 -6.28 -21.46
C GLY B 145 -8.07 -7.79 -21.54
N GLU B 146 -9.14 -8.36 -21.01
CA GLU B 146 -9.32 -9.82 -21.03
C GLU B 146 -9.40 -10.32 -22.46
N ALA B 147 -8.86 -11.51 -22.70
CA ALA B 147 -8.86 -12.11 -24.03
C ALA B 147 -9.48 -13.50 -24.01
N PRO B 153 -6.69 -19.73 -28.37
CA PRO B 153 -5.37 -20.37 -28.48
C PRO B 153 -4.50 -20.13 -27.24
N PRO B 154 -3.44 -20.94 -27.06
CA PRO B 154 -2.53 -20.82 -25.91
C PRO B 154 -1.93 -19.43 -25.75
N PRO B 155 -1.62 -19.05 -24.51
CA PRO B 155 -1.04 -17.73 -24.25
C PRO B 155 0.39 -17.69 -24.76
N ALA B 156 0.82 -16.52 -25.23
CA ALA B 156 2.19 -16.38 -25.69
C ALA B 156 3.10 -16.54 -24.47
N LEU B 157 2.55 -16.27 -23.27
CA LEU B 157 3.32 -16.38 -22.03
C LEU B 157 2.43 -16.68 -20.81
N THR B 158 2.92 -17.55 -19.94
CA THR B 158 2.20 -17.90 -18.72
C THR B 158 3.15 -17.59 -17.56
N LEU B 159 2.68 -16.77 -16.64
CA LEU B 159 3.44 -16.40 -15.44
C LEU B 159 2.74 -17.07 -14.27
N ILE B 160 3.45 -17.95 -13.57
CA ILE B 160 2.87 -18.62 -12.41
C ILE B 160 3.53 -17.99 -11.17
N PHE B 161 2.74 -17.34 -10.32
CA PHE B 161 3.27 -16.68 -9.14
C PHE B 161 3.11 -17.49 -7.86
N ASP B 162 4.12 -17.46 -7.00
CA ASP B 162 3.96 -18.11 -5.72
C ASP B 162 3.40 -16.95 -4.86
N ARG B 163 2.07 -16.92 -4.75
CA ARG B 163 1.31 -15.91 -4.01
C ARG B 163 1.01 -14.61 -4.72
N HIS B 164 -0.12 -14.02 -4.30
CA HIS B 164 -0.61 -12.74 -4.81
C HIS B 164 -0.37 -11.69 -3.70
N PRO B 165 -0.33 -10.40 -4.07
CA PRO B 165 -0.12 -9.36 -3.05
C PRO B 165 -1.11 -9.46 -1.87
N ILE B 166 -2.32 -10.00 -2.07
CA ILE B 166 -3.25 -10.04 -0.93
C ILE B 166 -2.80 -11.00 0.17
N ALA B 167 -1.84 -11.88 -0.12
CA ALA B 167 -1.37 -12.79 0.94
C ALA B 167 -0.75 -11.92 2.05
N ALA B 168 0.11 -10.99 1.64
CA ALA B 168 0.81 -10.13 2.61
C ALA B 168 0.08 -8.86 2.99
N LEU B 169 -0.86 -8.42 2.15
CA LEU B 169 -1.60 -7.20 2.44
C LEU B 169 -2.97 -7.46 3.06
N LEU B 170 -3.38 -8.72 3.14
CA LEU B 170 -4.70 -9.03 3.69
C LEU B 170 -4.78 -10.29 4.52
N CYS B 171 -4.40 -11.41 3.92
CA CYS B 171 -4.55 -12.69 4.59
C CYS B 171 -3.68 -12.92 5.80
N TYR B 172 -2.38 -12.75 5.67
CA TYR B 172 -1.55 -12.97 6.85
C TYR B 172 -1.82 -11.90 7.90
N PRO B 173 -2.07 -10.64 7.48
CA PRO B 173 -2.36 -9.63 8.51
C PRO B 173 -3.66 -9.98 9.27
N ALA B 174 -4.68 -10.43 8.54
CA ALA B 174 -5.95 -10.79 9.19
C ALA B 174 -5.76 -11.98 10.15
N ALA B 175 -4.92 -12.95 9.77
CA ALA B 175 -4.69 -14.11 10.64
C ALA B 175 -3.92 -13.67 11.89
N ARG B 176 -2.99 -12.74 11.73
CA ARG B 176 -2.23 -12.24 12.89
C ARG B 176 -3.16 -11.44 13.81
N TYR B 177 -4.16 -10.78 13.22
CA TYR B 177 -5.14 -10.06 14.02
C TYR B 177 -5.89 -11.13 14.86
N LEU B 178 -6.29 -12.22 14.23
CA LEU B 178 -6.97 -13.29 14.99
C LEU B 178 -6.04 -13.87 16.05
N MET B 179 -4.72 -13.82 15.81
CA MET B 179 -3.73 -14.34 16.75
C MET B 179 -3.38 -13.32 17.84
N GLY B 180 -3.98 -12.13 17.74
CA GLY B 180 -3.75 -11.09 18.73
C GLY B 180 -2.49 -10.25 18.56
N SER B 181 -1.77 -10.46 17.46
CA SER B 181 -0.53 -9.73 17.22
C SER B 181 -0.60 -8.61 16.18
N MET B 182 -1.81 -8.23 15.78
CA MET B 182 -1.98 -7.09 14.89
C MET B 182 -3.32 -6.47 15.23
N THR B 183 -3.45 -5.15 15.05
CA THR B 183 -4.71 -4.48 15.34
C THR B 183 -5.61 -4.51 14.10
N PRO B 184 -6.94 -4.52 14.30
CA PRO B 184 -7.80 -4.54 13.12
C PRO B 184 -7.66 -3.26 12.31
N GLN B 185 -7.29 -2.15 12.97
CA GLN B 185 -7.13 -0.91 12.21
C GLN B 185 -5.97 -1.02 11.23
N ALA B 186 -4.89 -1.69 11.65
CA ALA B 186 -3.72 -1.87 10.80
C ALA B 186 -4.08 -2.82 9.65
N VAL B 187 -4.84 -3.88 9.96
CA VAL B 187 -5.24 -4.79 8.89
C VAL B 187 -6.01 -4.00 7.83
N LEU B 188 -6.91 -3.11 8.27
CA LEU B 188 -7.69 -2.35 7.29
C LEU B 188 -6.87 -1.31 6.54
N ALA B 189 -5.77 -0.84 7.15
CA ALA B 189 -4.90 0.13 6.48
C ALA B 189 -4.21 -0.63 5.34
N PHE B 190 -3.79 -1.87 5.58
CA PHE B 190 -3.17 -2.68 4.53
C PHE B 190 -4.20 -2.94 3.43
N VAL B 191 -5.43 -3.23 3.83
CA VAL B 191 -6.48 -3.45 2.85
C VAL B 191 -6.69 -2.24 1.97
N ALA B 192 -6.69 -1.05 2.56
CA ALA B 192 -6.88 0.17 1.78
C ALA B 192 -5.76 0.38 0.78
N LEU B 193 -4.61 -0.25 1.01
CA LEU B 193 -3.44 -0.11 0.12
C LEU B 193 -3.32 -1.22 -0.93
N ILE B 194 -4.24 -2.20 -0.93
CA ILE B 194 -4.15 -3.24 -1.93
C ILE B 194 -4.26 -2.59 -3.32
N PRO B 195 -3.32 -2.90 -4.23
CA PRO B 195 -3.36 -2.31 -5.58
C PRO B 195 -4.60 -2.70 -6.40
N PRO B 196 -5.00 -1.84 -7.34
CA PRO B 196 -6.18 -2.12 -8.18
C PRO B 196 -6.01 -3.52 -8.79
N THR B 197 -7.08 -4.31 -8.80
CA THR B 197 -7.00 -5.66 -9.35
C THR B 197 -6.93 -5.65 -10.86
N LEU B 198 -5.80 -6.08 -11.40
CA LEU B 198 -5.62 -6.09 -12.85
C LEU B 198 -6.52 -7.14 -13.50
N PRO B 199 -6.92 -6.90 -14.75
CA PRO B 199 -7.77 -7.88 -15.44
C PRO B 199 -7.01 -9.22 -15.51
N GLY B 200 -7.74 -10.33 -15.55
CA GLY B 200 -7.09 -11.62 -15.65
C GLY B 200 -6.36 -12.07 -14.39
N THR B 201 -6.84 -11.64 -13.23
CA THR B 201 -6.21 -12.04 -11.99
C THR B 201 -6.80 -13.35 -11.54
N ASN B 202 -6.12 -14.44 -11.88
CA ASN B 202 -6.57 -15.79 -11.54
C ASN B 202 -5.85 -16.20 -10.27
N ILE B 203 -6.60 -16.54 -9.23
CA ILE B 203 -5.95 -16.96 -7.99
C ILE B 203 -6.39 -18.39 -7.65
N VAL B 204 -5.42 -19.26 -7.41
CA VAL B 204 -5.73 -20.65 -7.08
C VAL B 204 -5.46 -20.83 -5.57
N LEU B 205 -6.50 -21.13 -4.80
CA LEU B 205 -6.34 -21.35 -3.37
C LEU B 205 -6.32 -22.86 -3.13
N GLY B 206 -5.69 -23.29 -2.05
CA GLY B 206 -5.62 -24.73 -1.81
C GLY B 206 -6.51 -25.29 -0.74
N ALA B 207 -6.94 -26.53 -0.94
CA ALA B 207 -7.77 -27.22 0.05
C ALA B 207 -7.00 -28.45 0.52
N LEU B 208 -7.04 -28.72 1.81
CA LEU B 208 -6.33 -29.87 2.40
C LEU B 208 -6.94 -30.11 3.77
N PRO B 209 -7.31 -31.37 4.08
CA PRO B 209 -7.90 -31.64 5.40
C PRO B 209 -6.92 -31.19 6.49
N GLU B 210 -7.46 -30.63 7.57
CA GLU B 210 -6.61 -30.13 8.65
C GLU B 210 -5.62 -31.14 9.22
N ASP B 211 -6.04 -32.38 9.41
CA ASP B 211 -5.16 -33.39 9.97
C ASP B 211 -3.96 -33.63 9.04
N ARG B 212 -4.22 -33.75 7.75
CA ARG B 212 -3.15 -33.95 6.78
C ARG B 212 -2.26 -32.70 6.76
N HIS B 213 -2.89 -31.54 6.88
CA HIS B 213 -2.14 -30.29 6.85
C HIS B 213 -1.18 -30.25 8.03
N ILE B 214 -1.70 -30.51 9.23
CA ILE B 214 -0.87 -30.52 10.43
C ILE B 214 0.31 -31.50 10.30
N ASP B 215 0.07 -32.67 9.71
CA ASP B 215 1.12 -33.66 9.53
C ASP B 215 2.19 -33.16 8.58
N ARG B 216 1.77 -32.49 7.50
CA ARG B 216 2.73 -31.98 6.54
C ARG B 216 3.55 -30.88 7.20
N LEU B 217 2.84 -29.85 7.64
CA LEU B 217 3.46 -28.68 8.27
C LEU B 217 4.64 -29.07 9.16
N ALA B 218 4.40 -30.00 10.07
CA ALA B 218 5.44 -30.45 10.99
C ALA B 218 6.59 -31.13 10.26
N LYS B 219 7.46 -30.32 9.64
CA LYS B 219 8.62 -30.83 8.91
C LYS B 219 9.92 -30.38 9.57
N ARG B 220 9.88 -29.20 10.19
CA ARG B 220 11.06 -28.65 10.85
C ARG B 220 10.82 -28.48 12.34
N GLY B 224 13.13 -20.01 9.83
CA GLY B 224 12.91 -19.50 11.17
C GLY B 224 11.48 -19.71 11.67
N GLU B 225 10.81 -20.71 11.11
CA GLU B 225 9.44 -21.02 11.50
C GLU B 225 9.34 -21.81 12.80
N ARG B 226 8.17 -21.73 13.41
CA ARG B 226 7.88 -22.47 14.63
C ARG B 226 6.51 -23.09 14.41
N LEU B 227 6.33 -24.32 14.87
CA LEU B 227 5.06 -25.02 14.70
C LEU B 227 3.98 -24.40 15.56
N ASP B 228 3.13 -23.59 14.93
CA ASP B 228 2.05 -22.93 15.63
C ASP B 228 0.73 -23.38 15.04
N LEU B 229 0.08 -24.34 15.71
CA LEU B 229 -1.19 -24.86 15.23
C LEU B 229 -2.33 -23.84 15.30
N ALA B 230 -2.21 -22.89 16.23
CA ALA B 230 -3.24 -21.85 16.35
C ALA B 230 -3.15 -20.93 15.12
N MET B 231 -1.93 -20.60 14.73
CA MET B 231 -1.70 -19.74 13.57
C MET B 231 -2.15 -20.53 12.33
N LEU B 232 -1.85 -21.83 12.28
CA LEU B 232 -2.26 -22.63 11.12
C LEU B 232 -3.79 -22.58 11.00
N ALA B 233 -4.49 -22.72 12.13
CA ALA B 233 -5.95 -22.67 12.08
C ALA B 233 -6.43 -21.29 11.60
N ALA B 234 -5.80 -20.25 12.13
CA ALA B 234 -6.20 -18.89 11.74
C ALA B 234 -5.99 -18.64 10.24
N ILE B 235 -4.84 -19.03 9.69
CA ILE B 235 -4.59 -18.76 8.27
C ILE B 235 -5.50 -19.64 7.39
N ARG B 236 -5.80 -20.87 7.82
CA ARG B 236 -6.70 -21.70 7.04
C ARG B 236 -8.07 -21.04 7.07
N ARG B 237 -8.48 -20.53 8.23
CA ARG B 237 -9.80 -19.87 8.32
C ARG B 237 -9.82 -18.63 7.42
N VAL B 238 -8.79 -17.81 7.51
CA VAL B 238 -8.77 -16.60 6.68
C VAL B 238 -8.89 -16.92 5.20
N TYR B 239 -8.14 -17.89 4.70
CA TYR B 239 -8.24 -18.23 3.28
C TYR B 239 -9.58 -18.83 2.93
N GLY B 240 -10.21 -19.52 3.88
CA GLY B 240 -11.54 -20.06 3.64
C GLY B 240 -12.52 -18.88 3.48
N LEU B 241 -12.42 -17.90 4.39
CA LEU B 241 -13.28 -16.73 4.34
C LEU B 241 -13.03 -15.96 3.03
N LEU B 242 -11.77 -15.92 2.60
CA LEU B 242 -11.45 -15.22 1.36
C LEU B 242 -12.20 -15.85 0.19
N ALA B 243 -12.14 -17.17 0.08
CA ALA B 243 -12.82 -17.86 -1.03
C ALA B 243 -14.33 -17.55 -1.00
N ASN B 244 -14.92 -17.58 0.19
CA ASN B 244 -16.34 -17.30 0.34
C ASN B 244 -16.66 -15.85 0.02
N THR B 245 -15.72 -14.95 0.32
CA THR B 245 -15.95 -13.53 0.08
C THR B 245 -16.03 -13.24 -1.40
N VAL B 246 -15.15 -13.86 -2.17
CA VAL B 246 -15.16 -13.67 -3.62
C VAL B 246 -16.48 -14.18 -4.19
N ARG B 247 -16.89 -15.37 -3.76
CA ARG B 247 -18.16 -15.94 -4.24
C ARG B 247 -19.33 -15.03 -3.82
N TYR B 248 -19.34 -14.61 -2.56
CA TYR B 248 -20.38 -13.72 -2.04
C TYR B 248 -20.51 -12.48 -2.93
N LEU B 249 -19.39 -11.84 -3.26
CA LEU B 249 -19.41 -10.63 -4.08
C LEU B 249 -19.83 -10.90 -5.53
N GLN B 250 -19.39 -12.02 -6.07
CA GLN B 250 -19.73 -12.32 -7.44
C GLN B 250 -21.19 -12.76 -7.58
N CYS B 251 -21.79 -13.16 -6.47
CA CYS B 251 -23.21 -13.54 -6.46
C CYS B 251 -24.05 -12.29 -6.16
N GLY B 252 -23.42 -11.12 -6.16
CA GLY B 252 -24.15 -9.88 -5.92
C GLY B 252 -24.28 -9.41 -4.47
N GLY B 253 -23.53 -10.03 -3.57
CA GLY B 253 -23.60 -9.65 -2.17
C GLY B 253 -23.10 -8.25 -1.92
N SER B 254 -23.83 -7.53 -1.08
CA SER B 254 -23.49 -6.15 -0.70
C SER B 254 -23.28 -6.15 0.81
N TRP B 255 -22.03 -5.99 1.24
CA TRP B 255 -21.73 -6.02 2.66
C TRP B 255 -22.49 -4.98 3.48
N ARG B 256 -22.69 -3.79 2.92
CA ARG B 256 -23.42 -2.75 3.65
C ARG B 256 -24.87 -3.17 3.84
N GLU B 257 -25.43 -3.89 2.87
CA GLU B 257 -26.81 -4.34 2.96
C GLU B 257 -27.02 -5.47 3.98
N ASP B 258 -26.00 -6.31 4.13
CA ASP B 258 -26.07 -7.45 5.06
C ASP B 258 -25.32 -7.29 6.38
N TRP B 259 -24.72 -6.14 6.61
CA TRP B 259 -23.94 -5.94 7.85
C TRP B 259 -24.71 -6.31 9.12
N GLY B 260 -26.00 -5.99 9.15
CA GLY B 260 -26.80 -6.30 10.32
C GLY B 260 -27.06 -7.77 10.57
N GLN B 261 -26.70 -8.62 9.61
CA GLN B 261 -26.92 -10.05 9.77
C GLN B 261 -25.77 -10.67 10.57
N LEU B 262 -24.77 -9.85 10.88
CA LEU B 262 -23.62 -10.30 11.66
C LEU B 262 -23.90 -10.07 13.14
N SER B 263 -24.31 -8.84 13.44
CA SER B 263 -24.63 -8.36 14.78
C SER B 263 -24.90 -9.46 15.80
N GLY B 264 -25.60 -10.51 15.36
CA GLY B 264 -25.91 -11.62 16.25
C GLY B 264 -24.94 -12.77 16.11
N THR B 265 -23.64 -12.45 16.06
CA THR B 265 -22.59 -13.45 15.93
C THR B 265 -22.88 -14.43 14.80
N PRO B 274 -15.67 -24.42 1.68
CA PRO B 274 -15.69 -23.15 0.95
C PRO B 274 -15.48 -23.34 -0.56
N GLN B 275 -16.25 -22.57 -1.35
CA GLN B 275 -16.18 -22.62 -2.80
C GLN B 275 -16.06 -21.17 -3.28
N SER B 276 -15.10 -20.90 -4.16
CA SER B 276 -14.87 -19.54 -4.65
C SER B 276 -15.49 -19.23 -6.02
N ASN B 277 -15.87 -20.26 -6.76
CA ASN B 277 -16.44 -20.03 -8.08
C ASN B 277 -17.59 -20.96 -8.36
N ALA B 278 -18.20 -21.48 -7.29
CA ALA B 278 -19.33 -22.38 -7.43
C ALA B 278 -20.21 -22.32 -6.19
N GLY B 279 -21.40 -22.89 -6.29
CA GLY B 279 -22.28 -22.92 -5.14
C GLY B 279 -23.15 -21.69 -4.94
N PRO B 280 -23.99 -21.71 -3.89
CA PRO B 280 -24.87 -20.57 -3.63
C PRO B 280 -24.12 -19.42 -2.95
N ARG B 281 -24.83 -18.31 -2.73
CA ARG B 281 -24.21 -17.17 -2.09
C ARG B 281 -24.00 -17.42 -0.61
N PRO B 282 -22.76 -17.23 -0.13
CA PRO B 282 -22.49 -17.46 1.29
C PRO B 282 -23.16 -16.38 2.17
N HIS B 283 -23.31 -16.70 3.45
CA HIS B 283 -23.83 -15.76 4.43
C HIS B 283 -22.63 -14.83 4.71
N ILE B 284 -22.88 -13.54 4.95
CA ILE B 284 -21.81 -12.60 5.23
C ILE B 284 -20.94 -13.03 6.41
N GLY B 285 -21.55 -13.75 7.35
CA GLY B 285 -20.84 -14.24 8.52
C GLY B 285 -19.79 -15.28 8.16
N ASP B 286 -19.83 -15.77 6.92
CA ASP B 286 -18.83 -16.74 6.48
C ASP B 286 -17.89 -16.09 5.47
N THR B 287 -17.81 -14.76 5.51
CA THR B 287 -16.92 -14.02 4.63
C THR B 287 -15.97 -13.18 5.47
N LEU B 288 -14.96 -12.59 4.84
CA LEU B 288 -13.99 -11.76 5.56
C LEU B 288 -14.61 -10.59 6.28
N PHE B 289 -15.76 -10.13 5.81
CA PHE B 289 -16.40 -8.99 6.45
C PHE B 289 -16.71 -9.25 7.92
N THR B 290 -16.94 -10.51 8.25
CA THR B 290 -17.24 -10.87 9.63
C THR B 290 -16.13 -10.54 10.61
N LEU B 291 -14.88 -10.49 10.14
CA LEU B 291 -13.75 -10.20 11.02
C LEU B 291 -13.67 -8.77 11.52
N PHE B 292 -14.39 -7.86 10.88
CA PHE B 292 -14.29 -6.45 11.24
C PHE B 292 -15.45 -5.87 12.04
N ARG B 293 -16.01 -6.71 12.90
CA ARG B 293 -17.11 -6.34 13.78
C ARG B 293 -16.47 -6.08 15.15
N ALA B 294 -15.19 -5.74 15.13
CA ALA B 294 -14.42 -5.49 16.33
C ALA B 294 -14.85 -4.19 17.03
N PRO B 295 -14.90 -4.22 18.37
CA PRO B 295 -15.29 -3.04 19.14
C PRO B 295 -14.44 -1.80 18.84
N GLU B 296 -13.16 -2.00 18.55
CA GLU B 296 -12.27 -0.90 18.21
C GLU B 296 -12.76 -0.15 16.97
N LEU B 297 -13.47 -0.84 16.09
CA LEU B 297 -13.92 -0.22 14.85
C LEU B 297 -15.32 0.39 14.86
N LEU B 298 -16.01 0.29 15.99
CA LEU B 298 -17.37 0.80 16.07
C LEU B 298 -17.52 2.09 16.87
N ALA B 299 -18.36 2.99 16.36
CA ALA B 299 -18.65 4.26 17.02
C ALA B 299 -19.64 3.98 18.16
N PRO B 300 -19.74 4.89 19.15
CA PRO B 300 -20.66 4.70 20.28
C PRO B 300 -22.04 4.20 19.85
N ASN B 301 -22.54 4.74 18.73
CA ASN B 301 -23.85 4.36 18.21
C ASN B 301 -23.91 2.94 17.66
N GLY B 302 -22.81 2.20 17.76
CA GLY B 302 -22.78 0.83 17.29
C GLY B 302 -22.40 0.60 15.83
N ASP B 303 -22.47 1.63 15.00
CA ASP B 303 -22.11 1.48 13.59
C ASP B 303 -20.60 1.55 13.41
N LEU B 304 -20.13 1.08 12.26
CA LEU B 304 -18.72 1.08 11.92
C LEU B 304 -18.31 2.52 11.60
N TYR B 305 -17.13 2.96 12.04
CA TYR B 305 -16.72 4.30 11.67
C TYR B 305 -16.62 4.30 10.16
N ASN B 306 -16.90 5.44 9.53
CA ASN B 306 -16.85 5.53 8.07
C ASN B 306 -15.49 5.20 7.47
N VAL B 307 -14.42 5.58 8.16
CA VAL B 307 -13.07 5.32 7.64
C VAL B 307 -12.87 3.80 7.46
N PHE B 308 -13.44 3.01 8.35
CA PHE B 308 -13.28 1.58 8.25
C PHE B 308 -14.27 0.98 7.25
N ALA B 309 -15.43 1.61 7.11
CA ALA B 309 -16.43 1.14 6.17
C ALA B 309 -15.89 1.34 4.76
N TRP B 310 -15.20 2.46 4.54
CA TRP B 310 -14.62 2.72 3.23
C TRP B 310 -13.55 1.68 2.91
N ALA B 311 -12.80 1.25 3.93
CA ALA B 311 -11.79 0.23 3.71
C ALA B 311 -12.48 -1.09 3.30
N LEU B 312 -13.67 -1.38 3.86
CA LEU B 312 -14.36 -2.62 3.44
C LEU B 312 -14.89 -2.44 2.01
N ASP B 313 -15.21 -1.21 1.62
CA ASP B 313 -15.66 -0.97 0.24
C ASP B 313 -14.51 -1.27 -0.69
N VAL B 314 -13.31 -0.90 -0.27
CA VAL B 314 -12.12 -1.19 -1.07
C VAL B 314 -11.89 -2.70 -1.13
N LEU B 315 -12.05 -3.39 0.00
CA LEU B 315 -11.89 -4.84 0.01
C LEU B 315 -12.86 -5.49 -1.00
N ALA B 316 -14.11 -5.04 -1.02
CA ALA B 316 -15.11 -5.58 -1.92
C ALA B 316 -14.71 -5.35 -3.38
N LYS B 317 -14.29 -4.12 -3.67
CA LYS B 317 -13.91 -3.77 -5.03
C LYS B 317 -12.72 -4.61 -5.54
N ARG B 318 -11.70 -4.75 -4.71
CA ARG B 318 -10.52 -5.50 -5.12
C ARG B 318 -10.79 -6.98 -5.33
N LEU B 319 -11.56 -7.60 -4.43
CA LEU B 319 -11.81 -9.03 -4.56
C LEU B 319 -12.88 -9.40 -5.59
N ARG B 320 -13.84 -8.53 -5.83
CA ARG B 320 -14.94 -8.92 -6.71
C ARG B 320 -14.57 -9.23 -8.14
N SER B 321 -13.47 -8.68 -8.62
CA SER B 321 -13.11 -8.93 -10.02
C SER B 321 -12.10 -10.06 -10.19
N MET B 322 -11.71 -10.70 -9.09
CA MET B 322 -10.75 -11.81 -9.15
C MET B 322 -11.43 -13.12 -9.57
N HIS B 323 -10.66 -13.97 -10.24
CA HIS B 323 -11.15 -15.27 -10.71
C HIS B 323 -10.49 -16.27 -9.76
N VAL B 324 -11.28 -16.86 -8.88
CA VAL B 324 -10.73 -17.77 -7.89
C VAL B 324 -11.08 -19.23 -8.16
N PHE B 325 -10.09 -20.07 -7.95
CA PHE B 325 -10.23 -21.52 -8.15
C PHE B 325 -9.68 -22.23 -6.92
N ILE B 326 -10.16 -23.44 -6.68
CA ILE B 326 -9.71 -24.23 -5.53
C ILE B 326 -9.01 -25.47 -6.03
N LEU B 327 -7.80 -25.70 -5.52
CA LEU B 327 -7.00 -26.86 -5.89
C LEU B 327 -6.94 -27.81 -4.70
N ASP B 328 -7.24 -29.08 -4.93
CA ASP B 328 -7.18 -30.08 -3.87
C ASP B 328 -5.73 -30.58 -3.74
N TYR B 329 -5.08 -30.27 -2.62
CA TYR B 329 -3.71 -30.69 -2.36
C TYR B 329 -3.58 -32.05 -1.65
N ASP B 330 -4.69 -32.71 -1.38
CA ASP B 330 -4.67 -34.00 -0.71
C ASP B 330 -4.39 -35.14 -1.71
N GLN B 331 -3.20 -35.11 -2.30
CA GLN B 331 -2.79 -36.11 -3.29
C GLN B 331 -1.31 -35.96 -3.56
N SER B 332 -0.75 -36.82 -4.41
CA SER B 332 0.67 -36.76 -4.70
C SER B 332 1.06 -35.49 -5.44
N PRO B 333 2.36 -35.17 -5.43
CA PRO B 333 2.85 -33.97 -6.11
C PRO B 333 2.47 -33.97 -7.59
N ALA B 334 2.60 -35.11 -8.27
CA ALA B 334 2.23 -35.13 -9.69
C ALA B 334 0.71 -34.93 -9.83
N GLY B 335 -0.04 -35.48 -8.88
CA GLY B 335 -1.49 -35.32 -8.92
C GLY B 335 -1.85 -33.86 -8.80
N CYS B 336 -1.21 -33.15 -7.87
CA CYS B 336 -1.49 -31.73 -7.68
C CYS B 336 -1.16 -30.97 -8.96
N ARG B 337 -0.03 -31.32 -9.57
CA ARG B 337 0.39 -30.70 -10.81
C ARG B 337 -0.66 -30.84 -11.91
N ASP B 338 -1.12 -32.08 -12.14
CA ASP B 338 -2.08 -32.30 -13.22
C ASP B 338 -3.43 -31.73 -12.93
N ALA B 339 -3.79 -31.66 -11.65
CA ALA B 339 -5.06 -31.07 -11.28
C ALA B 339 -4.98 -29.56 -11.58
N LEU B 340 -3.85 -28.94 -11.26
CA LEU B 340 -3.70 -27.50 -11.49
C LEU B 340 -3.71 -27.24 -12.99
N LEU B 341 -3.01 -28.10 -13.72
CA LEU B 341 -2.94 -27.98 -15.16
C LEU B 341 -4.33 -27.98 -15.75
N GLN B 342 -5.19 -28.88 -15.28
CA GLN B 342 -6.58 -28.98 -15.76
C GLN B 342 -7.32 -27.68 -15.42
N LEU B 343 -7.09 -27.17 -14.22
CA LEU B 343 -7.75 -25.91 -13.79
C LEU B 343 -7.34 -24.75 -14.68
N THR B 344 -6.06 -24.74 -15.06
CA THR B 344 -5.51 -23.69 -15.89
C THR B 344 -6.24 -23.49 -17.21
N SER B 345 -6.97 -24.53 -17.63
CA SER B 345 -7.75 -24.48 -18.87
C SER B 345 -8.90 -23.48 -18.81
N GLY B 346 -9.53 -23.36 -17.64
CA GLY B 346 -10.66 -22.43 -17.50
C GLY B 346 -10.28 -21.05 -16.99
N MET B 347 -9.03 -20.63 -17.19
CA MET B 347 -8.59 -19.34 -16.69
C MET B 347 -8.54 -18.23 -17.75
N VAL B 348 -8.74 -17.01 -17.27
CA VAL B 348 -8.76 -15.81 -18.09
C VAL B 348 -7.40 -15.22 -18.48
N GLN B 349 -7.21 -15.05 -19.78
CA GLN B 349 -5.97 -14.48 -20.33
C GLN B 349 -6.22 -13.00 -20.62
N THR B 350 -5.15 -12.23 -20.80
CA THR B 350 -5.29 -10.81 -21.15
C THR B 350 -4.36 -10.52 -22.31
N HIS B 351 -4.63 -9.41 -22.99
CA HIS B 351 -3.72 -9.00 -24.05
C HIS B 351 -2.70 -8.19 -23.27
N VAL B 352 -1.57 -7.89 -23.91
CA VAL B 352 -0.56 -7.07 -23.27
C VAL B 352 -0.65 -5.75 -24.00
N THR B 353 -0.10 -4.69 -23.42
CA THR B 353 -0.22 -3.37 -24.01
C THR B 353 0.75 -3.01 -25.12
N THR B 354 1.94 -3.60 -25.12
CA THR B 354 2.91 -3.27 -26.15
C THR B 354 3.49 -4.53 -26.77
N PRO B 355 4.11 -4.41 -27.96
CA PRO B 355 4.71 -5.57 -28.63
C PRO B 355 5.78 -6.21 -27.76
N GLY B 356 6.66 -5.37 -27.22
CA GLY B 356 7.73 -5.85 -26.37
C GLY B 356 7.34 -6.17 -24.93
N SER B 357 6.06 -6.11 -24.61
CA SER B 357 5.61 -6.40 -23.25
C SER B 357 5.96 -7.82 -22.82
N ILE B 358 5.84 -8.77 -23.75
CA ILE B 358 6.14 -10.16 -23.39
C ILE B 358 7.60 -10.37 -22.98
N PRO B 359 8.57 -9.92 -23.81
CA PRO B 359 9.96 -10.11 -23.43
C PRO B 359 10.27 -9.38 -22.11
N THR B 360 9.72 -8.18 -21.96
CA THR B 360 9.93 -7.37 -20.76
C THR B 360 9.41 -8.09 -19.51
N ILE B 361 8.19 -8.59 -19.60
CA ILE B 361 7.56 -9.30 -18.48
C ILE B 361 8.39 -10.54 -18.15
N CYS B 362 8.84 -11.22 -19.19
CA CYS B 362 9.63 -12.41 -19.02
C CYS B 362 10.94 -12.09 -18.31
N ASP B 363 11.57 -10.99 -18.70
CA ASP B 363 12.82 -10.56 -18.08
C ASP B 363 12.59 -10.20 -16.60
N LEU B 364 11.48 -9.52 -16.32
CA LEU B 364 11.15 -9.12 -14.95
C LEU B 364 11.02 -10.37 -14.06
N ALA B 365 10.26 -11.35 -14.53
CA ALA B 365 10.07 -12.57 -13.76
C ALA B 365 11.38 -13.31 -13.49
N ARG B 366 12.21 -13.44 -14.52
CA ARG B 366 13.49 -14.13 -14.34
C ARG B 366 14.42 -13.35 -13.40
N THR B 367 14.44 -12.03 -13.52
CA THR B 367 15.28 -11.22 -12.65
C THR B 367 14.82 -11.36 -11.19
N PHE B 368 13.50 -11.33 -11.00
CA PHE B 368 12.89 -11.48 -9.69
C PHE B 368 13.30 -12.82 -9.07
N ALA B 369 13.14 -13.89 -9.84
CA ALA B 369 13.47 -15.22 -9.34
C ALA B 369 14.96 -15.35 -8.97
N ARG B 370 15.83 -14.86 -9.83
CA ARG B 370 17.26 -14.94 -9.59
C ARG B 370 17.68 -14.15 -8.36
N GLU B 371 17.12 -12.96 -8.21
CA GLU B 371 17.50 -12.12 -7.09
C GLU B 371 16.85 -12.45 -5.76
N MET B 372 15.59 -12.82 -5.79
CA MET B 372 14.89 -13.08 -4.54
C MET B 372 14.43 -14.49 -4.23
N GLY B 373 14.48 -15.38 -5.21
CA GLY B 373 14.09 -16.76 -4.95
C GLY B 373 15.15 -17.46 -4.11
N GLU B 374 14.72 -18.44 -3.31
CA GLU B 374 15.62 -19.18 -2.43
C GLU B 374 16.72 -19.89 -3.22
N ALA B 375 17.79 -20.16 -2.63
#